data_7PA5
#
_entry.id   7PA5
#
_cell.length_a   95.120
_cell.length_b   95.120
_cell.length_c   242.940
_cell.angle_alpha   90.000
_cell.angle_beta   90.000
_cell.angle_gamma   120.000
#
_symmetry.space_group_name_H-M   'P 62 2 2'
#
loop_
_entity.id
_entity.type
_entity.pdbx_description
1 polymer Beta-lactamase
2 polymer nanobody
3 non-polymer GLYCEROL
4 non-polymer 'PHOSPHATE ION'
5 water water
#
loop_
_entity_poly.entity_id
_entity_poly.type
_entity_poly.pdbx_seq_one_letter_code
_entity_poly.pdbx_strand_id
1 'polypeptide(L)'
;AAKTEQQIADIVNRTITPLMQEQAIPGMAVAVIYQGKPYYFTWGKADIANNHPVTQQTLFELGSVSKTFNGVLGGDAIAR
GEIKLSDPVTKYWPELTGKQWQGIRLLHLATYTAGGLPLQIPDDVRDKAALLHFYQNWQPQWTPGAKRLYANSSIGLFGA
LAVKPSGMSYEEAMTRRVLQPLKLAHTWITVPQNEQKDYAWGYREGKPVHVSPGQLDAEAYGVKSSVIDMARWVQANMDA
SHVQEKTLQQGIALAQSRYWRIGDMYQGLGWEMLNWPLKADSIINGSDSKVALAALPAVEVNPPAPAVKASWVHKTGSTG
GFGSYVAFVPEKNLGIVMLANKSYPNPVRVEAAWRILEKLQ
;
A
2 'polypeptide(L)'
;QVQLVESGGGMVQPGGSLRLSCAASGFTFSNYDMSWVRRAPGKGPEWVSTINTGGGSTSYADSVKGRFTISRDNAKNTLY
LQMNSLKPEDTALYYCTIDRGLHYSDLGEYDYWGQGTQVTVSSHHHHHH
;
B
#
# COMPACT_ATOMS: atom_id res chain seq x y z
N LYS A 3 31.43 -2.01 -5.42
CA LYS A 3 31.99 -3.35 -5.26
C LYS A 3 32.92 -3.43 -4.05
N THR A 4 33.04 -2.34 -3.31
CA THR A 4 33.85 -2.28 -2.10
C THR A 4 32.97 -1.86 -0.93
N GLU A 5 33.55 -1.85 0.27
CA GLU A 5 32.82 -1.38 1.44
C GLU A 5 32.62 0.13 1.39
N GLN A 6 33.56 0.86 0.79
CA GLN A 6 33.50 2.31 0.71
C GLN A 6 32.74 2.81 -0.51
N GLN A 7 32.82 2.10 -1.64
CA GLN A 7 32.08 2.53 -2.81
C GLN A 7 30.57 2.43 -2.58
N ILE A 8 30.13 1.34 -1.94
CA ILE A 8 28.74 1.21 -1.54
C ILE A 8 28.33 2.39 -0.67
N ALA A 9 29.20 2.75 0.28
CA ALA A 9 28.94 3.89 1.15
C ALA A 9 28.77 5.16 0.34
N ASP A 10 29.65 5.38 -0.63
CA ASP A 10 29.60 6.60 -1.43
C ASP A 10 28.29 6.68 -2.20
N ILE A 11 27.89 5.58 -2.84
CA ILE A 11 26.62 5.55 -3.56
C ILE A 11 25.47 5.88 -2.61
N VAL A 12 25.39 5.15 -1.51
CA VAL A 12 24.25 5.30 -0.60
C VAL A 12 24.20 6.71 -0.04
N ASN A 13 25.36 7.31 0.24
CA ASN A 13 25.37 8.66 0.80
C ASN A 13 24.98 9.69 -0.24
N ARG A 14 25.65 9.67 -1.41
CA ARG A 14 25.27 10.55 -2.50
C ARG A 14 23.76 10.54 -2.72
N THR A 15 23.11 9.40 -2.51
CA THR A 15 21.67 9.35 -2.72
C THR A 15 20.86 9.80 -1.49
N ILE A 16 21.26 9.38 -0.29
CA ILE A 16 20.42 9.57 0.88
C ILE A 16 20.57 10.96 1.46
N THR A 17 21.79 11.51 1.49
CA THR A 17 22.00 12.82 2.08
C THR A 17 21.05 13.86 1.46
N PRO A 18 21.03 14.06 0.15
CA PRO A 18 20.05 15.02 -0.40
C PRO A 18 18.61 14.61 -0.14
N LEU A 19 18.33 13.31 -0.09
CA LEU A 19 16.99 12.84 0.23
C LEU A 19 16.54 13.36 1.59
N MET A 20 17.30 13.03 2.64
CA MET A 20 16.96 13.50 3.97
C MET A 20 16.92 15.02 4.02
N GLN A 21 17.83 15.69 3.30
CA GLN A 21 17.89 17.14 3.35
C GLN A 21 16.61 17.76 2.80
N GLU A 22 16.25 17.41 1.58
CA GLU A 22 15.10 18.03 0.92
C GLU A 22 13.77 17.48 1.43
N GLN A 23 13.77 16.33 2.09
CA GLN A 23 12.54 15.73 2.60
C GLN A 23 12.32 15.98 4.09
N ALA A 24 13.31 16.55 4.78
CA ALA A 24 13.17 16.89 6.20
C ALA A 24 13.00 15.65 7.06
N ILE A 25 13.86 14.65 6.84
CA ILE A 25 13.78 13.37 7.52
C ILE A 25 14.71 13.45 8.73
N PRO A 26 14.18 13.40 9.97
CA PRO A 26 15.06 13.46 11.14
C PRO A 26 16.07 12.32 11.18
N GLY A 27 15.65 11.11 10.85
CA GLY A 27 16.54 9.96 10.95
C GLY A 27 16.24 8.89 9.93
N MET A 28 17.30 8.27 9.40
CA MET A 28 17.16 7.17 8.46
C MET A 28 18.12 6.05 8.82
N ALA A 29 17.73 4.84 8.47
CA ALA A 29 18.58 3.66 8.58
C ALA A 29 18.37 2.81 7.34
N VAL A 30 19.46 2.45 6.68
CA VAL A 30 19.41 1.82 5.38
C VAL A 30 20.35 0.63 5.35
N ALA A 31 19.89 -0.47 4.79
CA ALA A 31 20.71 -1.66 4.62
C ALA A 31 20.78 -2.03 3.14
N VAL A 32 21.95 -2.49 2.72
CA VAL A 32 22.22 -2.88 1.34
C VAL A 32 22.80 -4.29 1.37
N ILE A 33 22.06 -5.26 0.82
CA ILE A 33 22.60 -6.60 0.62
C ILE A 33 23.27 -6.61 -0.75
N TYR A 34 24.58 -6.77 -0.75
CA TYR A 34 25.38 -6.82 -1.97
C TYR A 34 26.12 -8.15 -2.00
N GLN A 35 25.83 -8.96 -3.02
CA GLN A 35 26.45 -10.27 -3.19
C GLN A 35 26.26 -11.12 -1.93
N GLY A 36 25.09 -10.99 -1.32
CA GLY A 36 24.75 -11.75 -0.13
C GLY A 36 25.21 -11.13 1.17
N LYS A 37 26.16 -10.20 1.14
CA LYS A 37 26.60 -9.63 2.41
C LYS A 37 25.78 -8.39 2.77
N PRO A 38 25.42 -8.19 4.03
CA PRO A 38 24.70 -6.97 4.39
C PRO A 38 25.62 -5.84 4.83
N TYR A 39 25.27 -4.63 4.42
CA TYR A 39 25.95 -3.40 4.80
C TYR A 39 24.94 -2.45 5.40
N TYR A 40 25.30 -1.76 6.47
CA TYR A 40 24.35 -0.95 7.22
C TYR A 40 24.80 0.52 7.26
N PHE A 41 23.82 1.41 7.35
CA PHE A 41 24.06 2.85 7.35
C PHE A 41 23.02 3.52 8.23
N THR A 42 23.46 4.52 9.01
CA THR A 42 22.57 5.27 9.90
C THR A 42 22.81 6.76 9.72
N TRP A 43 21.74 7.55 9.89
CA TRP A 43 21.84 9.00 9.90
C TRP A 43 20.78 9.57 10.82
N GLY A 44 21.12 10.65 11.51
CA GLY A 44 20.13 11.47 12.17
C GLY A 44 19.71 10.98 13.54
N LYS A 45 18.59 11.54 14.00
CA LYS A 45 18.07 11.31 15.35
C LYS A 45 16.80 10.46 15.30
N ALA A 46 16.70 9.52 16.22
CA ALA A 46 15.44 8.82 16.46
C ALA A 46 14.54 9.55 17.44
N ASP A 47 15.10 10.41 18.27
CA ASP A 47 14.34 11.17 19.25
C ASP A 47 15.01 12.53 19.36
N ILE A 48 14.31 13.59 18.98
CA ILE A 48 14.91 14.92 18.96
C ILE A 48 15.02 15.48 20.38
N ALA A 49 13.93 15.45 21.13
CA ALA A 49 13.93 15.94 22.51
C ALA A 49 15.06 15.31 23.30
N ASN A 50 14.96 14.00 23.57
CA ASN A 50 15.99 13.30 24.33
C ASN A 50 17.32 13.23 23.59
N ASN A 51 17.40 13.73 22.36
CA ASN A 51 18.64 13.72 21.56
C ASN A 51 19.25 12.31 21.55
N HIS A 52 18.55 11.41 20.85
CA HIS A 52 19.00 10.05 20.68
C HIS A 52 19.35 9.81 19.22
N PRO A 53 20.54 9.33 18.90
CA PRO A 53 20.88 9.08 17.49
C PRO A 53 20.22 7.83 16.94
N VAL A 54 20.06 7.80 15.62
CA VAL A 54 19.59 6.58 14.96
C VAL A 54 20.68 5.53 15.03
N THR A 55 20.28 4.30 15.37
CA THR A 55 21.21 3.19 15.48
C THR A 55 20.67 2.00 14.71
N GLN A 56 21.53 1.00 14.55
CA GLN A 56 21.15 -0.24 13.91
C GLN A 56 20.23 -1.08 14.79
N GLN A 57 19.99 -0.65 16.02
CA GLN A 57 18.98 -1.24 16.89
C GLN A 57 17.68 -0.45 16.89
N THR A 58 17.67 0.75 16.32
CA THR A 58 16.49 1.59 16.37
C THR A 58 15.32 0.92 15.69
N LEU A 59 14.16 0.93 16.35
CA LEU A 59 12.95 0.33 15.83
C LEU A 59 12.15 1.35 15.05
N PHE A 60 11.86 1.05 13.79
CA PHE A 60 11.01 1.87 12.95
C PHE A 60 9.66 1.19 12.72
N GLU A 61 8.63 2.01 12.55
CA GLU A 61 7.32 1.49 12.18
C GLU A 61 7.32 1.17 10.69
N LEU A 62 6.96 -0.08 10.35
CA LEU A 62 7.04 -0.53 8.98
C LEU A 62 5.80 -0.19 8.17
N GLY A 63 4.65 -0.05 8.82
CA GLY A 63 3.43 0.21 8.07
C GLY A 63 3.08 -0.97 7.19
N SER A 64 2.67 -0.66 5.96
CA SER A 64 2.17 -1.70 5.06
C SER A 64 3.16 -2.83 4.83
N VAL A 65 4.46 -2.61 5.08
CA VAL A 65 5.44 -3.67 4.88
C VAL A 65 5.11 -4.88 5.76
N SER A 66 4.39 -4.67 6.86
CA SER A 66 4.00 -5.78 7.71
C SER A 66 3.27 -6.85 6.91
N LYS A 67 2.61 -6.46 5.82
CA LYS A 67 1.89 -7.43 5.00
C LYS A 67 2.80 -8.52 4.48
N THR A 68 4.06 -8.20 4.18
CA THR A 68 4.99 -9.23 3.72
C THR A 68 5.19 -10.30 4.79
N PHE A 69 5.15 -9.91 6.07
CA PHE A 69 5.15 -10.89 7.15
C PHE A 69 3.81 -11.62 7.22
N ASN A 70 2.72 -10.92 6.96
CA ASN A 70 1.42 -11.58 6.84
C ASN A 70 1.48 -12.68 5.79
N GLY A 71 1.69 -12.30 4.53
CA GLY A 71 1.76 -13.25 3.44
C GLY A 71 2.58 -14.47 3.76
N VAL A 72 3.85 -14.27 4.13
CA VAL A 72 4.71 -15.42 4.39
C VAL A 72 4.10 -16.32 5.45
N LEU A 73 3.59 -15.73 6.54
CA LEU A 73 2.93 -16.56 7.55
C LEU A 73 1.82 -17.38 6.92
N GLY A 74 0.93 -16.72 6.16
CA GLY A 74 -0.04 -17.46 5.38
C GLY A 74 0.62 -18.56 4.56
N GLY A 75 1.66 -18.20 3.80
CA GLY A 75 2.44 -19.21 3.12
C GLY A 75 2.80 -20.37 4.03
N ASP A 76 3.41 -20.05 5.17
CA ASP A 76 3.75 -21.10 6.13
C ASP A 76 2.54 -21.95 6.46
N ALA A 77 1.42 -21.30 6.79
CA ALA A 77 0.21 -22.04 7.15
C ALA A 77 -0.26 -22.90 5.99
N ILE A 78 -0.06 -22.46 4.75
CA ILE A 78 -0.39 -23.30 3.60
C ILE A 78 0.50 -24.54 3.60
N ALA A 79 1.80 -24.35 3.81
CA ALA A 79 2.73 -25.46 3.75
C ALA A 79 2.45 -26.49 4.84
N ARG A 80 1.91 -26.05 5.97
CA ARG A 80 1.57 -26.95 7.07
C ARG A 80 0.29 -27.75 6.82
N GLY A 81 -0.42 -27.48 5.73
CA GLY A 81 -1.67 -28.15 5.47
C GLY A 81 -2.84 -27.61 6.25
N GLU A 82 -2.68 -26.46 6.92
CA GLU A 82 -3.75 -25.92 7.74
C GLU A 82 -4.78 -25.17 6.90
N ILE A 83 -4.37 -24.58 5.77
CA ILE A 83 -5.27 -23.80 4.94
C ILE A 83 -4.94 -24.02 3.47
N LYS A 84 -5.92 -23.77 2.62
CA LYS A 84 -5.75 -23.71 1.18
C LYS A 84 -6.30 -22.37 0.68
N LEU A 85 -5.53 -21.69 -0.18
CA LEU A 85 -5.99 -20.42 -0.71
C LEU A 85 -7.33 -20.56 -1.43
N SER A 86 -7.68 -21.76 -1.88
CA SER A 86 -8.95 -22.01 -2.54
C SER A 86 -10.09 -22.24 -1.56
N ASP A 87 -9.83 -22.21 -0.25
CA ASP A 87 -10.90 -22.42 0.71
C ASP A 87 -11.78 -21.18 0.81
N PRO A 88 -13.10 -21.34 0.89
CA PRO A 88 -13.97 -20.17 1.06
C PRO A 88 -13.69 -19.46 2.37
N VAL A 89 -13.79 -18.13 2.33
CA VAL A 89 -13.60 -17.34 3.56
C VAL A 89 -14.53 -17.81 4.65
N THR A 90 -15.74 -18.26 4.29
CA THR A 90 -16.73 -18.64 5.28
C THR A 90 -16.38 -19.94 6.00
N LYS A 91 -15.49 -20.75 5.45
CA LYS A 91 -15.08 -21.98 6.11
C LYS A 91 -14.31 -21.71 7.40
N TYR A 92 -13.69 -20.53 7.53
CA TYR A 92 -12.93 -20.18 8.71
C TYR A 92 -13.61 -19.13 9.58
N TRP A 93 -14.65 -18.47 9.09
CA TRP A 93 -15.45 -17.54 9.86
C TRP A 93 -16.91 -17.77 9.49
N PRO A 94 -17.48 -18.90 9.91
CA PRO A 94 -18.81 -19.29 9.40
C PRO A 94 -19.92 -18.33 9.77
N GLU A 95 -19.69 -17.38 10.69
CA GLU A 95 -20.71 -16.39 10.98
C GLU A 95 -20.91 -15.38 9.86
N LEU A 96 -20.06 -15.39 8.85
CA LEU A 96 -20.21 -14.52 7.68
C LEU A 96 -21.14 -15.22 6.71
N THR A 97 -22.44 -14.98 6.87
CA THR A 97 -23.46 -15.71 6.14
C THR A 97 -23.94 -15.01 4.87
N GLY A 98 -23.53 -13.75 4.66
CA GLY A 98 -23.97 -13.00 3.50
C GLY A 98 -23.78 -13.76 2.21
N LYS A 99 -24.82 -13.81 1.38
CA LYS A 99 -24.72 -14.49 0.09
C LYS A 99 -23.70 -13.84 -0.83
N GLN A 100 -23.23 -12.63 -0.52
CA GLN A 100 -22.17 -12.01 -1.31
C GLN A 100 -20.80 -12.60 -0.97
N TRP A 101 -20.64 -13.20 0.21
CA TRP A 101 -19.39 -13.86 0.57
C TRP A 101 -19.28 -15.26 -0.01
N GLN A 102 -20.38 -15.83 -0.49
CA GLN A 102 -20.31 -17.09 -1.22
C GLN A 102 -19.45 -16.91 -2.46
N GLY A 103 -18.37 -17.68 -2.55
CA GLY A 103 -17.48 -17.61 -3.68
C GLY A 103 -16.25 -16.75 -3.47
N ILE A 104 -16.10 -16.13 -2.31
CA ILE A 104 -14.87 -15.42 -1.95
C ILE A 104 -13.98 -16.38 -1.18
N ARG A 105 -12.76 -16.55 -1.64
CA ARG A 105 -11.81 -17.48 -1.06
C ARG A 105 -10.69 -16.71 -0.38
N LEU A 106 -9.92 -17.41 0.44
CA LEU A 106 -8.79 -16.78 1.12
C LEU A 106 -7.87 -16.10 0.12
N LEU A 107 -7.72 -16.69 -1.07
CA LEU A 107 -6.91 -16.08 -2.12
C LEU A 107 -7.30 -14.63 -2.34
N HIS A 108 -8.61 -14.37 -2.44
CA HIS A 108 -9.08 -13.03 -2.79
C HIS A 108 -8.78 -12.03 -1.69
N LEU A 109 -8.92 -12.44 -0.43
CA LEU A 109 -8.51 -11.58 0.67
C LEU A 109 -7.02 -11.29 0.60
N ALA A 110 -6.21 -12.34 0.36
CA ALA A 110 -4.76 -12.18 0.37
C ALA A 110 -4.27 -11.22 -0.71
N THR A 111 -4.98 -11.13 -1.82
CA THR A 111 -4.50 -10.40 -2.99
C THR A 111 -5.41 -9.24 -3.38
N TYR A 112 -6.24 -8.77 -2.44
CA TYR A 112 -7.09 -7.59 -2.64
C TYR A 112 -7.99 -7.74 -3.87
N THR A 113 -8.43 -8.97 -4.16
CA THR A 113 -9.33 -9.22 -5.30
C THR A 113 -10.71 -9.69 -4.85
N ALA A 114 -11.08 -9.44 -3.59
CA ALA A 114 -12.39 -9.87 -3.11
C ALA A 114 -13.52 -9.17 -3.87
N GLY A 115 -13.27 -7.97 -4.38
CA GLY A 115 -14.29 -7.24 -5.10
C GLY A 115 -14.54 -5.86 -4.52
N GLY A 116 -13.48 -5.22 -4.05
CA GLY A 116 -13.55 -3.86 -3.56
C GLY A 116 -13.65 -3.71 -2.06
N LEU A 117 -13.09 -4.64 -1.29
CA LEU A 117 -13.08 -4.48 0.16
C LEU A 117 -12.44 -3.14 0.52
N PRO A 118 -12.99 -2.42 1.49
CA PRO A 118 -12.53 -1.04 1.73
C PRO A 118 -11.10 -1.01 2.23
N LEU A 119 -10.44 0.13 1.97
CA LEU A 119 -9.02 0.25 2.30
C LEU A 119 -8.79 0.06 3.79
N GLN A 120 -9.52 0.79 4.62
CA GLN A 120 -9.27 0.84 6.05
C GLN A 120 -10.50 0.40 6.82
N ILE A 121 -10.27 -0.28 7.93
CA ILE A 121 -11.38 -0.57 8.85
C ILE A 121 -11.78 0.71 9.56
N PRO A 122 -13.06 1.11 9.50
CA PRO A 122 -13.45 2.37 10.15
C PRO A 122 -12.97 2.41 11.60
N ASP A 123 -12.32 3.52 11.96
CA ASP A 123 -11.74 3.63 13.30
C ASP A 123 -12.76 3.40 14.40
N ASP A 124 -14.04 3.59 14.10
CA ASP A 124 -15.11 3.32 15.08
C ASP A 124 -15.42 1.84 15.21
N VAL A 125 -14.75 0.98 14.46
CA VAL A 125 -14.96 -0.47 14.53
C VAL A 125 -13.91 -1.00 15.51
N ARG A 126 -14.27 -1.02 16.80
CA ARG A 126 -13.27 -1.18 17.84
C ARG A 126 -13.23 -2.57 18.47
N ASP A 127 -14.32 -3.33 18.42
CA ASP A 127 -14.30 -4.73 18.80
C ASP A 127 -14.51 -5.61 17.58
N LYS A 128 -14.39 -6.92 17.79
CA LYS A 128 -14.56 -7.88 16.72
C LYS A 128 -16.02 -8.12 16.39
N ALA A 129 -16.94 -7.68 17.26
CA ALA A 129 -18.36 -7.68 16.94
C ALA A 129 -18.69 -6.64 15.87
N ALA A 130 -18.27 -5.39 16.10
CA ALA A 130 -18.41 -4.36 15.08
C ALA A 130 -17.71 -4.76 13.79
N LEU A 131 -16.61 -5.51 13.91
CA LEU A 131 -15.91 -5.98 12.72
C LEU A 131 -16.75 -6.98 11.95
N LEU A 132 -17.36 -7.94 12.66
CA LEU A 132 -18.25 -8.88 12.00
C LEU A 132 -19.39 -8.16 11.29
N HIS A 133 -20.03 -7.21 12.00
CA HIS A 133 -21.10 -6.43 11.38
C HIS A 133 -20.60 -5.69 10.15
N PHE A 134 -19.38 -5.15 10.23
CA PHE A 134 -18.79 -4.39 9.14
C PHE A 134 -18.59 -5.26 7.90
N TYR A 135 -18.09 -6.48 8.08
CA TYR A 135 -17.92 -7.36 6.93
C TYR A 135 -19.26 -7.91 6.45
N GLN A 136 -20.22 -8.11 7.36
CA GLN A 136 -21.54 -8.58 6.97
C GLN A 136 -22.23 -7.59 6.04
N ASN A 137 -22.17 -6.30 6.38
CA ASN A 137 -22.89 -5.29 5.63
C ASN A 137 -22.08 -4.69 4.48
N TRP A 138 -20.86 -5.15 4.25
CA TRP A 138 -20.11 -4.73 3.08
C TRP A 138 -20.74 -5.33 1.82
N GLN A 139 -20.86 -4.50 0.79
CA GLN A 139 -21.44 -4.93 -0.48
C GLN A 139 -20.37 -4.85 -1.57
N PRO A 140 -20.13 -5.91 -2.33
CA PRO A 140 -19.00 -5.91 -3.27
C PRO A 140 -19.27 -5.04 -4.49
N GLN A 141 -18.21 -4.37 -4.95
CA GLN A 141 -18.29 -3.56 -6.16
C GLN A 141 -18.13 -4.42 -7.42
N TRP A 142 -17.41 -5.54 -7.34
CA TRP A 142 -17.09 -6.33 -8.51
C TRP A 142 -17.21 -7.82 -8.19
N THR A 143 -16.97 -8.64 -9.20
CA THR A 143 -16.88 -10.08 -9.03
C THR A 143 -15.52 -10.45 -8.46
N PRO A 144 -15.46 -11.47 -7.60
CA PRO A 144 -14.15 -11.97 -7.16
C PRO A 144 -13.24 -12.27 -8.33
N GLY A 145 -12.02 -11.72 -8.29
CA GLY A 145 -11.03 -11.96 -9.30
C GLY A 145 -11.00 -10.96 -10.44
N ALA A 146 -11.97 -10.04 -10.50
CA ALA A 146 -12.06 -9.13 -11.63
C ALA A 146 -11.13 -7.94 -11.48
N LYS A 147 -10.99 -7.40 -10.26
CA LYS A 147 -10.23 -6.19 -10.05
C LYS A 147 -9.45 -6.28 -8.74
N ARG A 148 -8.32 -5.58 -8.71
CA ARG A 148 -7.46 -5.48 -7.53
C ARG A 148 -7.62 -4.08 -6.96
N LEU A 149 -8.03 -4.02 -5.69
CA LEU A 149 -8.15 -2.77 -4.95
C LEU A 149 -7.37 -2.96 -3.65
N TYR A 150 -6.15 -2.43 -3.62
CA TYR A 150 -5.32 -2.50 -2.42
C TYR A 150 -6.11 -2.09 -1.20
N ALA A 151 -6.03 -2.90 -0.15
CA ALA A 151 -6.85 -2.67 1.04
C ALA A 151 -6.22 -3.34 2.25
N ASN A 152 -6.37 -2.69 3.40
CA ASN A 152 -5.94 -3.30 4.66
C ASN A 152 -6.95 -4.33 5.15
N SER A 153 -8.24 -4.08 4.94
CA SER A 153 -9.26 -4.99 5.45
C SER A 153 -9.09 -6.39 4.87
N SER A 154 -8.83 -6.49 3.57
CA SER A 154 -8.76 -7.79 2.92
C SER A 154 -7.60 -8.62 3.45
N ILE A 155 -6.36 -8.17 3.23
CA ILE A 155 -5.23 -8.97 3.66
C ILE A 155 -5.16 -9.05 5.18
N GLY A 156 -5.71 -8.06 5.88
CA GLY A 156 -5.79 -8.17 7.32
C GLY A 156 -6.64 -9.34 7.75
N LEU A 157 -7.84 -9.46 7.17
CA LEU A 157 -8.69 -10.61 7.46
C LEU A 157 -8.03 -11.91 7.01
N PHE A 158 -7.27 -11.86 5.92
CA PHE A 158 -6.54 -13.05 5.48
C PHE A 158 -5.57 -13.50 6.56
N GLY A 159 -4.78 -12.56 7.09
CA GLY A 159 -3.86 -12.91 8.16
C GLY A 159 -4.56 -13.41 9.40
N ALA A 160 -5.70 -12.80 9.74
CA ALA A 160 -6.44 -13.19 10.94
C ALA A 160 -7.02 -14.59 10.81
N LEU A 161 -7.45 -14.96 9.61
CA LEU A 161 -8.07 -16.28 9.40
C LEU A 161 -7.04 -17.36 9.11
N ALA A 162 -5.90 -17.02 8.52
CA ALA A 162 -4.88 -18.02 8.21
C ALA A 162 -4.39 -18.71 9.47
N VAL A 163 -4.38 -17.99 10.60
CA VAL A 163 -3.86 -18.55 11.85
C VAL A 163 -4.91 -19.31 12.65
N LYS A 164 -6.20 -19.21 12.29
CA LYS A 164 -7.24 -19.88 13.06
C LYS A 164 -6.95 -21.36 13.26
N PRO A 165 -6.62 -22.15 12.23
CA PRO A 165 -6.29 -23.57 12.48
C PRO A 165 -5.09 -23.76 13.38
N SER A 166 -4.13 -22.82 13.35
CA SER A 166 -2.97 -22.94 14.21
C SER A 166 -3.36 -23.05 15.68
N GLY A 167 -4.52 -22.52 16.04
CA GLY A 167 -4.89 -22.42 17.43
C GLY A 167 -4.21 -21.29 18.18
N MET A 168 -3.53 -20.40 17.47
CA MET A 168 -2.81 -19.29 18.06
C MET A 168 -3.35 -17.97 17.53
N SER A 169 -3.10 -16.90 18.26
CA SER A 169 -3.38 -15.57 17.77
C SER A 169 -2.40 -15.21 16.65
N TYR A 170 -2.74 -14.18 15.88
CA TYR A 170 -1.86 -13.73 14.82
C TYR A 170 -0.47 -13.40 15.36
N GLU A 171 -0.42 -12.60 16.43
CA GLU A 171 0.86 -12.23 17.04
C GLU A 171 1.64 -13.46 17.47
N GLU A 172 0.98 -14.36 18.19
CA GLU A 172 1.63 -15.57 18.70
C GLU A 172 2.16 -16.43 17.56
N ALA A 173 1.31 -16.68 16.56
CA ALA A 173 1.71 -17.54 15.44
C ALA A 173 2.88 -16.93 14.68
N MET A 174 2.84 -15.63 14.42
CA MET A 174 3.97 -14.97 13.79
C MET A 174 5.24 -15.16 14.62
N THR A 175 5.14 -14.88 15.92
CA THR A 175 6.32 -14.97 16.77
C THR A 175 6.94 -16.35 16.72
N ARG A 176 6.10 -17.39 16.71
CA ARG A 176 6.62 -18.76 16.81
C ARG A 176 7.08 -19.30 15.45
N ARG A 177 6.42 -18.92 14.37
CA ARG A 177 6.63 -19.57 13.08
C ARG A 177 7.46 -18.75 12.11
N VAL A 178 7.82 -17.52 12.46
CA VAL A 178 8.55 -16.66 11.55
C VAL A 178 9.70 -15.98 12.30
N LEU A 179 9.35 -15.08 13.22
CA LEU A 179 10.36 -14.26 13.88
C LEU A 179 11.39 -15.12 14.59
N GLN A 180 10.93 -15.99 15.50
CA GLN A 180 11.87 -16.78 16.30
C GLN A 180 12.69 -17.74 15.45
N PRO A 181 12.11 -18.52 14.52
CA PRO A 181 12.95 -19.37 13.67
C PRO A 181 13.99 -18.59 12.87
N LEU A 182 13.65 -17.39 12.40
CA LEU A 182 14.57 -16.58 11.63
C LEU A 182 15.46 -15.69 12.50
N LYS A 183 15.23 -15.68 13.83
CA LYS A 183 16.08 -14.97 14.77
C LYS A 183 16.01 -13.45 14.55
N LEU A 184 14.78 -12.94 14.49
CA LEU A 184 14.54 -11.49 14.42
C LEU A 184 14.12 -11.05 15.82
N ALA A 185 15.11 -10.83 16.67
CA ALA A 185 14.87 -10.49 18.06
C ALA A 185 14.68 -9.00 18.28
N HIS A 186 14.45 -8.24 17.21
CA HIS A 186 14.24 -6.81 17.28
C HIS A 186 13.11 -6.42 16.34
N THR A 187 12.14 -7.30 16.22
CA THR A 187 10.98 -7.12 15.37
C THR A 187 9.75 -7.42 16.21
N TRP A 188 8.82 -6.46 16.29
CA TRP A 188 7.76 -6.54 17.28
C TRP A 188 6.45 -6.04 16.70
N ILE A 189 5.36 -6.66 17.13
CA ILE A 189 4.04 -6.06 16.99
C ILE A 189 3.78 -5.11 18.15
N THR A 190 4.01 -5.59 19.37
CA THR A 190 3.97 -4.78 20.58
C THR A 190 5.40 -4.57 21.05
N VAL A 191 5.85 -3.32 21.08
CA VAL A 191 7.21 -3.02 21.49
C VAL A 191 7.30 -3.11 23.01
N PRO A 192 8.13 -4.00 23.56
CA PRO A 192 8.18 -4.11 25.03
C PRO A 192 8.74 -2.86 25.65
N GLN A 193 8.34 -2.61 26.90
CA GLN A 193 8.72 -1.35 27.54
C GLN A 193 10.23 -1.22 27.67
N ASN A 194 10.94 -2.34 27.78
CA ASN A 194 12.39 -2.26 27.97
C ASN A 194 13.16 -2.03 26.67
N GLU A 195 12.49 -2.11 25.52
CA GLU A 195 13.07 -1.69 24.25
C GLU A 195 12.65 -0.29 23.86
N GLN A 196 11.93 0.43 24.74
CA GLN A 196 11.29 1.66 24.34
C GLN A 196 12.27 2.80 24.08
N LYS A 197 13.52 2.68 24.55
CA LYS A 197 14.52 3.69 24.23
C LYS A 197 15.04 3.55 22.81
N ASP A 198 14.94 2.36 22.22
CA ASP A 198 15.31 2.15 20.82
C ASP A 198 14.16 2.41 19.86
N TYR A 199 12.93 2.56 20.36
CA TYR A 199 11.77 2.79 19.51
C TYR A 199 11.77 4.25 19.09
N ALA A 200 12.21 4.50 17.86
CA ALA A 200 12.17 5.85 17.33
C ALA A 200 10.76 6.42 17.40
N TRP A 201 10.69 7.74 17.35
CA TRP A 201 9.42 8.46 17.24
C TRP A 201 9.26 8.91 15.79
N GLY A 202 8.10 8.63 15.22
CA GLY A 202 7.77 9.21 13.93
C GLY A 202 7.46 10.68 14.08
N TYR A 203 7.50 11.41 12.96
CA TYR A 203 7.28 12.86 13.02
C TYR A 203 6.30 13.28 11.94
N ARG A 204 5.13 13.75 12.37
CA ARG A 204 4.12 14.29 11.48
C ARG A 204 4.00 15.78 11.75
N GLU A 205 4.30 16.59 10.74
CA GLU A 205 4.34 18.05 10.87
C GLU A 205 4.90 18.47 12.22
N GLY A 206 6.11 18.02 12.50
CA GLY A 206 6.86 18.43 13.67
C GLY A 206 6.56 17.68 14.94
N LYS A 207 5.37 17.01 15.06
CA LYS A 207 5.06 16.38 16.34
C LYS A 207 5.43 14.90 16.32
N PRO A 208 5.85 14.35 17.46
CA PRO A 208 6.25 12.94 17.50
C PRO A 208 5.05 12.01 17.72
N VAL A 209 4.97 10.97 16.87
CA VAL A 209 3.81 10.11 16.80
C VAL A 209 4.26 8.65 16.75
N HIS A 210 3.32 7.77 17.13
CA HIS A 210 3.42 6.33 16.94
C HIS A 210 2.10 5.83 16.36
N VAL A 211 2.14 4.65 15.75
CA VAL A 211 0.93 4.09 15.18
C VAL A 211 -0.12 3.94 16.28
N SER A 212 -1.37 4.22 15.92
CA SER A 212 -2.47 3.98 16.84
C SER A 212 -3.00 2.56 16.66
N PRO A 213 -3.42 1.91 17.73
CA PRO A 213 -3.93 0.54 17.58
C PRO A 213 -5.24 0.52 16.81
N GLY A 214 -5.44 -0.56 16.07
CA GLY A 214 -6.65 -0.75 15.29
C GLY A 214 -6.93 -2.22 15.12
N GLN A 215 -8.15 -2.52 14.69
CA GLN A 215 -8.49 -3.90 14.38
C GLN A 215 -7.61 -4.40 13.24
N LEU A 216 -6.99 -5.56 13.44
CA LEU A 216 -6.12 -6.19 12.46
C LEU A 216 -4.86 -5.37 12.18
N ASP A 217 -4.51 -4.45 13.07
CA ASP A 217 -3.31 -3.63 12.86
C ASP A 217 -2.07 -4.50 12.71
N ALA A 218 -1.98 -5.57 13.49
CA ALA A 218 -0.82 -6.46 13.39
C ALA A 218 -0.72 -7.07 12.00
N GLU A 219 -1.86 -7.41 11.40
CA GLU A 219 -1.86 -8.08 10.10
C GLU A 219 -1.52 -7.13 8.96
N ALA A 220 -1.92 -5.86 9.08
CA ALA A 220 -1.78 -4.93 7.97
C ALA A 220 -0.60 -3.99 8.11
N TYR A 221 -0.34 -3.44 9.31
CA TYR A 221 0.58 -2.31 9.40
C TYR A 221 1.18 -2.11 10.78
N GLY A 222 1.23 -3.10 11.64
CA GLY A 222 1.62 -2.91 13.03
C GLY A 222 3.02 -3.35 13.39
N VAL A 223 3.84 -3.76 12.44
CA VAL A 223 5.15 -4.32 12.75
C VAL A 223 6.18 -3.20 12.87
N LYS A 224 7.08 -3.36 13.83
CA LYS A 224 8.22 -2.47 14.00
C LYS A 224 9.49 -3.31 14.06
N SER A 225 10.58 -2.80 13.50
CA SER A 225 11.79 -3.60 13.46
C SER A 225 12.99 -2.70 13.22
N SER A 226 14.17 -3.26 13.49
CA SER A 226 15.43 -2.57 13.31
C SER A 226 15.90 -2.74 11.87
N VAL A 227 17.01 -2.09 11.52
CA VAL A 227 17.53 -2.20 10.16
C VAL A 227 18.27 -3.51 9.96
N ILE A 228 18.80 -4.10 11.05
CA ILE A 228 19.48 -5.38 10.93
C ILE A 228 18.46 -6.51 10.79
N ASP A 229 17.42 -6.51 11.62
CA ASP A 229 16.38 -7.51 11.48
C ASP A 229 15.77 -7.46 10.08
N MET A 230 15.61 -6.25 9.52
CA MET A 230 15.02 -6.13 8.19
C MET A 230 15.98 -6.65 7.12
N ALA A 231 17.28 -6.40 7.27
CA ALA A 231 18.25 -6.99 6.35
C ALA A 231 18.19 -8.52 6.40
N ARG A 232 18.02 -9.08 7.59
CA ARG A 232 17.88 -10.53 7.72
C ARG A 232 16.60 -11.04 7.06
N TRP A 233 15.50 -10.31 7.25
CA TRP A 233 14.23 -10.62 6.59
C TRP A 233 14.39 -10.64 5.08
N VAL A 234 15.09 -9.64 4.54
CA VAL A 234 15.30 -9.58 3.09
C VAL A 234 16.20 -10.73 2.64
N GLN A 235 17.26 -11.04 3.40
CA GLN A 235 18.12 -12.16 3.02
C GLN A 235 17.35 -13.47 3.04
N ALA A 236 16.37 -13.59 3.94
CA ALA A 236 15.61 -14.83 4.03
C ALA A 236 14.63 -14.95 2.86
N ASN A 237 13.95 -13.86 2.50
CA ASN A 237 13.02 -13.94 1.38
C ASN A 237 13.74 -13.98 0.03
N MET A 238 14.95 -13.41 -0.04
CA MET A 238 15.69 -13.36 -1.29
C MET A 238 16.27 -14.73 -1.64
N ASP A 239 16.89 -15.38 -0.66
CA ASP A 239 17.44 -16.72 -0.84
C ASP A 239 17.03 -17.50 0.40
N ALA A 240 15.95 -18.27 0.28
CA ALA A 240 15.39 -18.99 1.42
C ALA A 240 15.91 -20.41 1.54
N SER A 241 17.00 -20.74 0.84
CA SER A 241 17.54 -22.08 0.89
C SER A 241 18.23 -22.41 2.21
N HIS A 242 18.52 -21.39 3.03
CA HIS A 242 19.23 -21.59 4.28
C HIS A 242 18.30 -21.67 5.49
N VAL A 243 17.00 -21.75 5.27
CA VAL A 243 16.04 -21.89 6.37
C VAL A 243 15.89 -23.36 6.70
N GLN A 244 16.08 -23.69 7.99
CA GLN A 244 15.94 -25.08 8.42
C GLN A 244 14.49 -25.54 8.42
N GLU A 245 13.56 -24.61 8.59
CA GLU A 245 12.14 -24.93 8.70
C GLU A 245 11.55 -25.03 7.31
N LYS A 246 11.10 -26.23 6.93
CA LYS A 246 10.64 -26.44 5.56
C LYS A 246 9.27 -25.82 5.32
N THR A 247 8.40 -25.80 6.33
CA THR A 247 7.15 -25.08 6.18
C THR A 247 7.41 -23.60 5.90
N LEU A 248 8.42 -23.03 6.56
CA LEU A 248 8.73 -21.62 6.39
C LEU A 248 9.45 -21.36 5.07
N GLN A 249 10.42 -22.21 4.73
CA GLN A 249 11.00 -22.22 3.39
C GLN A 249 9.89 -22.14 2.34
N GLN A 250 8.93 -23.05 2.44
CA GLN A 250 7.87 -23.14 1.45
C GLN A 250 6.97 -21.90 1.49
N GLY A 251 6.59 -21.44 2.68
CA GLY A 251 5.75 -20.26 2.77
C GLY A 251 6.42 -19.03 2.20
N ILE A 252 7.73 -18.92 2.37
CA ILE A 252 8.47 -17.83 1.75
C ILE A 252 8.40 -17.95 0.23
N ALA A 253 8.56 -19.17 -0.29
CA ALA A 253 8.43 -19.36 -1.73
C ALA A 253 7.05 -18.98 -2.21
N LEU A 254 6.01 -19.29 -1.42
CA LEU A 254 4.64 -19.01 -1.85
C LEU A 254 4.32 -17.53 -1.74
N ALA A 255 4.98 -16.81 -0.83
CA ALA A 255 4.76 -15.38 -0.72
C ALA A 255 5.13 -14.65 -2.01
N GLN A 256 6.05 -15.22 -2.79
CA GLN A 256 6.50 -14.62 -4.04
C GLN A 256 5.93 -15.31 -5.26
N SER A 257 5.11 -16.34 -5.09
CA SER A 257 4.38 -16.89 -6.22
C SER A 257 3.54 -15.80 -6.87
N ARG A 258 3.33 -15.93 -8.17
CA ARG A 258 2.65 -14.91 -8.95
C ARG A 258 1.20 -15.35 -9.16
N TYR A 259 0.29 -14.70 -8.44
CA TYR A 259 -1.12 -15.07 -8.43
C TYR A 259 -1.97 -14.27 -9.41
N TRP A 260 -1.63 -13.01 -9.65
CA TRP A 260 -2.37 -12.17 -10.59
C TRP A 260 -1.38 -11.27 -11.32
N ARG A 261 -1.75 -10.88 -12.54
CA ARG A 261 -0.96 -9.96 -13.34
C ARG A 261 -1.71 -8.65 -13.47
N ILE A 262 -1.13 -7.59 -12.92
CA ILE A 262 -1.71 -6.24 -12.97
C ILE A 262 -0.72 -5.38 -13.76
N GLY A 263 -0.96 -5.25 -15.05
CA GLY A 263 0.00 -4.55 -15.90
C GLY A 263 1.31 -5.30 -15.97
N ASP A 264 2.38 -4.69 -15.46
CA ASP A 264 3.70 -5.32 -15.40
C ASP A 264 4.03 -5.83 -14.00
N MET A 265 3.08 -5.80 -13.08
CA MET A 265 3.28 -6.22 -11.70
C MET A 265 2.55 -7.52 -11.43
N TYR A 266 3.15 -8.36 -10.59
CA TYR A 266 2.57 -9.62 -10.18
C TYR A 266 2.36 -9.61 -8.67
N GLN A 267 1.15 -9.93 -8.25
CA GLN A 267 0.78 -9.87 -6.83
C GLN A 267 1.16 -11.18 -6.15
N GLY A 268 2.04 -11.11 -5.18
CA GLY A 268 2.32 -12.22 -4.30
C GLY A 268 1.42 -12.20 -3.09
N LEU A 269 1.87 -12.85 -2.03
CA LEU A 269 1.22 -12.76 -0.73
C LEU A 269 1.94 -11.67 0.05
N GLY A 270 1.39 -10.46 0.02
CA GLY A 270 2.08 -9.30 0.53
C GLY A 270 3.07 -8.75 -0.48
N TRP A 271 4.12 -9.53 -0.77
CA TRP A 271 5.14 -9.09 -1.71
C TRP A 271 4.53 -8.72 -3.05
N GLU A 272 5.20 -7.82 -3.77
CA GLU A 272 4.80 -7.44 -5.12
C GLU A 272 6.00 -7.55 -6.03
N MET A 273 5.82 -8.20 -7.19
CA MET A 273 6.92 -8.57 -8.06
C MET A 273 6.80 -7.93 -9.44
N LEU A 274 7.96 -7.61 -10.01
CA LEU A 274 8.06 -7.24 -11.42
C LEU A 274 9.19 -8.05 -12.04
N ASN A 275 9.18 -8.16 -13.36
CA ASN A 275 10.24 -8.87 -14.05
C ASN A 275 11.51 -8.04 -14.07
N TRP A 276 12.64 -8.64 -13.69
CA TRP A 276 13.93 -7.98 -13.86
C TRP A 276 14.61 -8.52 -15.12
N PRO A 277 15.15 -7.68 -16.00
CA PRO A 277 15.27 -6.22 -15.87
C PRO A 277 13.92 -5.53 -15.96
N LEU A 278 13.84 -4.32 -15.42
CA LEU A 278 12.61 -3.55 -15.46
C LEU A 278 12.94 -2.10 -15.72
N LYS A 279 11.90 -1.31 -15.97
CA LYS A 279 12.03 0.12 -16.19
C LYS A 279 11.66 0.86 -14.91
N ALA A 280 12.48 1.82 -14.52
CA ALA A 280 12.20 2.55 -13.28
C ALA A 280 10.79 3.10 -13.28
N ASP A 281 10.41 3.80 -14.36
CA ASP A 281 9.13 4.49 -14.38
C ASP A 281 7.99 3.62 -13.87
N SER A 282 7.99 2.34 -14.24
CA SER A 282 6.99 1.41 -13.74
C SER A 282 6.85 1.56 -12.23
N ILE A 283 7.86 1.11 -11.48
CA ILE A 283 7.75 1.06 -10.03
C ILE A 283 7.68 2.46 -9.43
N ILE A 284 8.44 3.41 -9.98
CA ILE A 284 8.45 4.77 -9.43
C ILE A 284 7.04 5.35 -9.47
N ASN A 285 6.47 5.47 -10.68
CA ASN A 285 5.14 6.06 -10.80
C ASN A 285 4.09 5.21 -10.08
N GLY A 286 4.20 3.88 -10.17
CA GLY A 286 3.21 3.03 -9.53
C GLY A 286 3.20 3.14 -8.03
N SER A 287 4.36 3.46 -7.44
CA SER A 287 4.43 3.59 -5.99
C SER A 287 3.60 4.76 -5.49
N ASP A 288 3.31 5.75 -6.34
CA ASP A 288 2.52 6.88 -5.91
C ASP A 288 1.20 6.41 -5.33
N SER A 289 0.79 7.03 -4.22
CA SER A 289 -0.43 6.60 -3.55
C SER A 289 -1.65 6.75 -4.45
N LYS A 290 -1.60 7.63 -5.44
CA LYS A 290 -2.72 7.75 -6.38
C LYS A 290 -2.84 6.51 -7.26
N VAL A 291 -1.72 5.87 -7.59
CA VAL A 291 -1.73 4.70 -8.44
C VAL A 291 -1.81 3.42 -7.62
N ALA A 292 -0.91 3.26 -6.64
CA ALA A 292 -0.87 2.04 -5.85
C ALA A 292 -2.18 1.75 -5.16
N LEU A 293 -3.02 2.77 -4.94
CA LEU A 293 -4.31 2.59 -4.29
C LEU A 293 -5.46 2.48 -5.29
N ALA A 294 -5.19 2.56 -6.59
CA ALA A 294 -6.24 2.53 -7.59
C ALA A 294 -6.86 1.14 -7.68
N ALA A 295 -8.01 1.08 -8.36
CA ALA A 295 -8.67 -0.18 -8.68
C ALA A 295 -8.27 -0.57 -10.10
N LEU A 296 -7.53 -1.68 -10.23
CA LEU A 296 -6.97 -2.05 -11.53
C LEU A 296 -7.44 -3.43 -11.95
N PRO A 297 -7.76 -3.64 -13.23
CA PRO A 297 -8.14 -4.99 -13.67
C PRO A 297 -7.03 -5.99 -13.41
N ALA A 298 -7.42 -7.20 -13.01
CA ALA A 298 -6.50 -8.27 -12.70
C ALA A 298 -6.77 -9.47 -13.59
N VAL A 299 -5.69 -10.09 -14.06
CA VAL A 299 -5.77 -11.30 -14.89
C VAL A 299 -5.24 -12.45 -14.04
N GLU A 300 -6.06 -13.48 -13.85
CA GLU A 300 -5.68 -14.58 -12.98
C GLU A 300 -4.50 -15.35 -13.58
N VAL A 301 -3.67 -15.88 -12.69
CA VAL A 301 -2.56 -16.76 -13.05
C VAL A 301 -2.82 -18.07 -12.33
N ASN A 302 -3.27 -19.08 -13.07
CA ASN A 302 -3.64 -20.36 -12.47
C ASN A 302 -3.10 -21.50 -13.34
N PRO A 303 -2.16 -22.32 -12.83
CA PRO A 303 -1.65 -22.29 -11.46
C PRO A 303 -0.75 -21.09 -11.20
N PRO A 304 -0.67 -20.62 -9.95
CA PRO A 304 0.24 -19.52 -9.64
C PRO A 304 1.66 -19.85 -10.07
N ALA A 305 2.30 -18.88 -10.73
CA ALA A 305 3.66 -19.10 -11.19
C ALA A 305 4.61 -19.17 -10.01
N PRO A 306 5.44 -20.23 -9.90
CA PRO A 306 6.44 -20.26 -8.82
C PRO A 306 7.26 -18.98 -8.76
N ALA A 307 7.90 -18.75 -7.63
CA ALA A 307 8.75 -17.57 -7.48
C ALA A 307 9.74 -17.49 -8.62
N VAL A 308 9.89 -16.29 -9.19
CA VAL A 308 10.79 -16.04 -10.30
C VAL A 308 12.02 -15.33 -9.74
N LYS A 309 13.19 -15.95 -9.91
CA LYS A 309 14.42 -15.37 -9.37
C LYS A 309 14.76 -14.06 -10.07
N ALA A 310 14.55 -13.99 -11.37
CA ALA A 310 14.79 -12.77 -12.14
C ALA A 310 13.65 -11.77 -11.90
N SER A 311 13.47 -11.41 -10.64
CA SER A 311 12.38 -10.53 -10.24
C SER A 311 12.89 -9.39 -9.38
N TRP A 312 12.13 -8.30 -9.41
CA TRP A 312 12.25 -7.21 -8.45
C TRP A 312 11.07 -7.37 -7.50
N VAL A 313 11.36 -7.82 -6.27
CA VAL A 313 10.35 -8.09 -5.25
C VAL A 313 10.41 -6.96 -4.24
N HIS A 314 9.27 -6.33 -3.97
CA HIS A 314 9.29 -5.16 -3.12
C HIS A 314 7.97 -4.97 -2.40
N LYS A 315 8.00 -4.08 -1.41
CA LYS A 315 6.82 -3.55 -0.75
C LYS A 315 7.17 -2.22 -0.09
N THR A 316 6.26 -1.27 -0.24
CA THR A 316 6.33 0.02 0.46
C THR A 316 5.31 0.01 1.60
N GLY A 317 5.61 0.79 2.64
CA GLY A 317 4.70 0.89 3.76
C GLY A 317 4.95 2.11 4.61
N SER A 318 3.89 2.81 4.99
CA SER A 318 4.04 4.07 5.71
C SER A 318 3.00 4.18 6.80
N THR A 319 3.41 4.76 7.92
CA THR A 319 2.52 5.13 9.02
C THR A 319 2.62 6.63 9.24
N GLY A 320 1.71 7.15 10.06
CA GLY A 320 1.63 8.57 10.33
C GLY A 320 2.97 9.29 10.40
N GLY A 321 3.97 8.64 10.98
CA GLY A 321 5.26 9.27 11.16
C GLY A 321 6.44 8.49 10.61
N PHE A 322 6.18 7.45 9.83
CA PHE A 322 7.26 6.62 9.32
C PHE A 322 7.04 6.30 7.85
N GLY A 323 8.15 6.20 7.12
CA GLY A 323 8.15 5.71 5.76
C GLY A 323 9.18 4.63 5.57
N SER A 324 8.78 3.49 5.00
CA SER A 324 9.66 2.34 4.90
C SER A 324 9.48 1.68 3.54
N TYR A 325 10.57 1.13 3.03
CA TYR A 325 10.56 0.51 1.70
C TYR A 325 11.54 -0.65 1.69
N VAL A 326 11.12 -1.77 1.10
CA VAL A 326 11.96 -2.95 1.02
C VAL A 326 11.93 -3.46 -0.42
N ALA A 327 13.10 -3.80 -0.94
CA ALA A 327 13.19 -4.34 -2.29
C ALA A 327 14.37 -5.29 -2.38
N PHE A 328 14.26 -6.27 -3.27
CA PHE A 328 15.38 -7.19 -3.50
C PHE A 328 15.18 -7.91 -4.82
N VAL A 329 16.31 -8.29 -5.42
CA VAL A 329 16.36 -9.09 -6.64
C VAL A 329 17.06 -10.40 -6.30
N PRO A 330 16.32 -11.52 -6.28
CA PRO A 330 16.96 -12.80 -5.95
C PRO A 330 18.07 -13.22 -6.90
N GLU A 331 17.84 -13.12 -8.21
CA GLU A 331 18.86 -13.51 -9.18
C GLU A 331 20.18 -12.84 -8.87
N LYS A 332 20.15 -11.52 -8.66
CA LYS A 332 21.34 -10.73 -8.43
C LYS A 332 21.86 -10.83 -7.00
N ASN A 333 21.13 -11.46 -6.09
CA ASN A 333 21.50 -11.48 -4.67
C ASN A 333 21.65 -10.07 -4.13
N LEU A 334 20.74 -9.17 -4.53
CA LEU A 334 20.89 -7.75 -4.23
C LEU A 334 19.64 -7.28 -3.51
N GLY A 335 19.79 -6.31 -2.60
CA GLY A 335 18.63 -5.85 -1.84
C GLY A 335 18.88 -4.56 -1.11
N ILE A 336 17.78 -3.90 -0.73
CA ILE A 336 17.84 -2.65 0.01
C ILE A 336 16.65 -2.55 0.95
N VAL A 337 16.95 -2.09 2.17
CA VAL A 337 15.96 -1.72 3.17
C VAL A 337 16.15 -0.23 3.46
N MET A 338 15.05 0.51 3.51
CA MET A 338 15.07 1.94 3.84
C MET A 338 14.01 2.20 4.91
N LEU A 339 14.44 2.68 6.06
CA LEU A 339 13.54 3.00 7.16
C LEU A 339 13.77 4.45 7.57
N ALA A 340 12.69 5.23 7.63
CA ALA A 340 12.79 6.63 8.03
C ALA A 340 11.67 6.97 8.99
N ASN A 341 12.00 7.71 10.05
CA ASN A 341 11.00 8.19 10.99
C ASN A 341 10.28 9.44 10.47
N LYS A 342 9.96 9.47 9.19
CA LYS A 342 9.14 10.53 8.60
C LYS A 342 8.62 10.00 7.26
N SER A 343 7.32 10.10 7.05
CA SER A 343 6.73 9.64 5.79
C SER A 343 6.99 10.65 4.68
N TYR A 344 7.42 10.17 3.53
CA TYR A 344 7.65 11.00 2.37
C TYR A 344 7.14 10.25 1.14
N PRO A 345 6.86 10.95 0.05
CA PRO A 345 6.15 10.32 -1.07
C PRO A 345 6.83 9.04 -1.52
N ASN A 346 6.02 8.00 -1.72
CA ASN A 346 6.58 6.71 -2.14
C ASN A 346 7.35 6.80 -3.46
N PRO A 347 6.98 7.65 -4.42
CA PRO A 347 7.80 7.74 -5.65
C PRO A 347 9.24 8.14 -5.38
N VAL A 348 9.46 9.13 -4.52
CA VAL A 348 10.83 9.54 -4.16
C VAL A 348 11.59 8.37 -3.52
N ARG A 349 10.93 7.68 -2.59
CA ARG A 349 11.52 6.54 -1.92
C ARG A 349 11.96 5.48 -2.94
N VAL A 350 11.05 5.10 -3.84
CA VAL A 350 11.37 4.05 -4.80
C VAL A 350 12.44 4.51 -5.77
N GLU A 351 12.40 5.79 -6.19
CA GLU A 351 13.40 6.28 -7.12
C GLU A 351 14.79 6.21 -6.49
N ALA A 352 14.91 6.59 -5.22
CA ALA A 352 16.19 6.49 -4.53
C ALA A 352 16.66 5.04 -4.46
N ALA A 353 15.78 4.14 -4.00
CA ALA A 353 16.15 2.73 -3.92
C ALA A 353 16.58 2.20 -5.28
N TRP A 354 15.88 2.62 -6.34
CA TRP A 354 16.20 2.16 -7.69
C TRP A 354 17.57 2.63 -8.13
N ARG A 355 17.85 3.92 -7.93
CA ARG A 355 19.18 4.44 -8.18
C ARG A 355 20.24 3.57 -7.53
N ILE A 356 20.12 3.42 -6.21
CA ILE A 356 21.16 2.72 -5.45
C ILE A 356 21.36 1.31 -6.01
N LEU A 357 20.26 0.57 -6.15
CA LEU A 357 20.40 -0.83 -6.56
C LEU A 357 20.83 -0.96 -8.02
N GLU A 358 20.47 0.00 -8.87
CA GLU A 358 20.90 -0.04 -10.26
C GLU A 358 22.40 0.16 -10.37
N LYS A 359 22.96 1.05 -9.54
CA LYS A 359 24.41 1.21 -9.54
C LYS A 359 25.13 -0.07 -9.16
N LEU A 360 24.55 -0.86 -8.25
CA LEU A 360 25.24 -1.97 -7.63
C LEU A 360 25.05 -3.31 -8.35
N GLN A 361 24.45 -3.31 -9.55
CA GLN A 361 24.15 -4.59 -10.20
C GLN A 361 25.36 -5.11 -10.97
N GLN B 1 6.25 11.59 -7.51
CA GLN B 1 5.50 12.64 -8.25
C GLN B 1 4.41 12.07 -9.15
N VAL B 2 3.18 12.49 -8.87
CA VAL B 2 2.02 12.27 -9.74
C VAL B 2 1.02 13.34 -9.36
N GLN B 3 0.89 14.37 -10.20
CA GLN B 3 0.13 15.54 -9.81
C GLN B 3 -1.09 15.73 -10.70
N LEU B 4 -2.22 15.96 -10.06
CA LEU B 4 -3.48 16.28 -10.71
C LEU B 4 -3.90 17.67 -10.26
N VAL B 5 -4.21 18.52 -11.22
CA VAL B 5 -4.32 19.96 -11.01
C VAL B 5 -5.71 20.36 -11.49
N GLU B 6 -6.64 20.52 -10.55
CA GLU B 6 -8.02 20.83 -10.87
C GLU B 6 -8.16 22.32 -11.13
N SER B 7 -9.22 22.68 -11.85
CA SER B 7 -9.46 24.06 -12.23
C SER B 7 -10.87 24.14 -12.79
N GLY B 8 -11.34 25.38 -12.98
CA GLY B 8 -12.66 25.62 -13.53
C GLY B 8 -13.73 25.92 -12.50
N GLY B 9 -13.43 25.73 -11.22
CA GLY B 9 -14.39 26.05 -10.19
C GLY B 9 -14.67 27.53 -10.08
N GLY B 10 -15.83 27.85 -9.51
CA GLY B 10 -16.21 29.25 -9.35
C GLY B 10 -17.60 29.34 -8.77
N MET B 11 -18.07 30.58 -8.66
CA MET B 11 -19.39 30.87 -8.14
C MET B 11 -20.34 31.12 -9.31
N VAL B 12 -21.53 30.53 -9.24
CA VAL B 12 -22.51 30.60 -10.32
C VAL B 12 -23.91 30.57 -9.71
N GLN B 13 -24.87 31.08 -10.46
CA GLN B 13 -26.26 31.07 -10.06
C GLN B 13 -26.91 29.76 -10.50
N PRO B 14 -27.90 29.27 -9.76
CA PRO B 14 -28.53 27.99 -10.13
C PRO B 14 -29.02 28.01 -11.57
N GLY B 15 -28.91 26.83 -12.22
CA GLY B 15 -29.28 26.68 -13.61
C GLY B 15 -28.15 26.88 -14.59
N GLY B 16 -27.10 27.60 -14.21
CA GLY B 16 -26.00 27.91 -15.10
C GLY B 16 -25.20 26.69 -15.50
N SER B 17 -23.98 26.92 -16.00
CA SER B 17 -23.09 25.84 -16.44
C SER B 17 -21.70 26.10 -15.91
N LEU B 18 -20.84 25.08 -16.01
CA LEU B 18 -19.51 25.16 -15.44
C LEU B 18 -18.67 23.96 -15.90
N ARG B 19 -17.52 24.21 -16.49
N ARG B 19 -17.54 24.20 -16.56
CA ARG B 19 -16.67 23.16 -17.04
CA ARG B 19 -16.69 23.11 -17.03
C ARG B 19 -15.41 23.04 -16.19
C ARG B 19 -15.43 23.03 -16.19
N LEU B 20 -15.28 21.93 -15.47
CA LEU B 20 -14.09 21.67 -14.67
C LEU B 20 -13.05 20.96 -15.52
N SER B 21 -11.80 21.37 -15.36
CA SER B 21 -10.67 20.73 -16.02
C SER B 21 -9.75 20.14 -14.97
N CYS B 22 -9.04 19.09 -15.34
CA CYS B 22 -8.11 18.41 -14.44
C CYS B 22 -6.89 18.03 -15.27
N ALA B 23 -5.79 18.75 -15.08
CA ALA B 23 -4.57 18.53 -15.85
C ALA B 23 -3.65 17.62 -15.06
N ALA B 24 -3.18 16.56 -15.71
CA ALA B 24 -2.39 15.53 -15.05
C ALA B 24 -0.94 15.59 -15.51
N SER B 25 -0.05 15.11 -14.64
CA SER B 25 1.35 15.01 -14.99
C SER B 25 2.00 14.00 -14.07
N GLY B 26 3.14 13.46 -14.52
CA GLY B 26 3.90 12.53 -13.73
C GLY B 26 3.53 11.07 -13.90
N PHE B 27 2.63 10.75 -14.82
CA PHE B 27 2.27 9.35 -15.05
C PHE B 27 1.56 9.25 -16.40
N THR B 28 1.39 8.00 -16.85
CA THR B 28 0.79 7.71 -18.15
C THR B 28 -0.72 7.87 -18.02
N PHE B 29 -1.18 9.11 -18.20
CA PHE B 29 -2.58 9.44 -17.95
C PHE B 29 -3.54 8.56 -18.75
N SER B 30 -3.14 8.17 -19.96
CA SER B 30 -4.04 7.43 -20.84
C SER B 30 -4.23 5.98 -20.44
N ASN B 31 -3.46 5.48 -19.47
CA ASN B 31 -3.54 4.08 -19.06
C ASN B 31 -4.53 3.83 -17.93
N TYR B 32 -5.09 4.87 -17.33
CA TYR B 32 -5.86 4.73 -16.11
C TYR B 32 -7.23 5.37 -16.26
N ASP B 33 -8.23 4.75 -15.62
CA ASP B 33 -9.56 5.32 -15.54
C ASP B 33 -9.59 6.44 -14.52
N MET B 34 -10.27 7.52 -14.85
CA MET B 34 -10.24 8.74 -14.05
C MET B 34 -11.62 9.03 -13.47
N SER B 35 -11.65 9.54 -12.26
CA SER B 35 -12.89 9.83 -11.55
C SER B 35 -12.90 11.27 -11.05
N TRP B 36 -14.08 11.87 -11.09
CA TRP B 36 -14.36 13.11 -10.38
C TRP B 36 -15.07 12.77 -9.08
N VAL B 37 -14.56 13.29 -7.97
CA VAL B 37 -15.10 13.11 -6.63
C VAL B 37 -15.32 14.49 -6.03
N ARG B 38 -16.29 14.59 -5.13
CA ARG B 38 -16.60 15.89 -4.52
C ARG B 38 -16.84 15.72 -3.04
N ARG B 39 -16.58 16.80 -2.31
CA ARG B 39 -16.72 16.85 -0.86
C ARG B 39 -17.55 18.08 -0.51
N ALA B 40 -18.70 17.85 0.13
CA ALA B 40 -19.60 18.94 0.49
C ALA B 40 -19.20 19.55 1.83
N PRO B 41 -19.72 20.73 2.15
CA PRO B 41 -19.36 21.38 3.43
C PRO B 41 -19.76 20.51 4.61
N GLY B 42 -18.78 20.20 5.46
CA GLY B 42 -19.03 19.41 6.65
C GLY B 42 -19.23 17.93 6.38
N LYS B 43 -19.80 17.59 5.23
CA LYS B 43 -20.07 16.21 4.90
C LYS B 43 -18.82 15.52 4.34
N GLY B 44 -18.89 14.20 4.23
CA GLY B 44 -17.77 13.43 3.74
C GLY B 44 -17.74 13.38 2.23
N PRO B 45 -16.71 12.72 1.71
CA PRO B 45 -16.55 12.61 0.24
C PRO B 45 -17.74 11.92 -0.40
N GLU B 46 -17.81 12.05 -1.72
CA GLU B 46 -18.92 11.50 -2.50
C GLU B 46 -18.46 11.37 -3.95
N TRP B 47 -18.63 10.18 -4.52
CA TRP B 47 -18.24 9.95 -5.90
C TRP B 47 -19.20 10.67 -6.86
N VAL B 48 -18.63 11.26 -7.91
CA VAL B 48 -19.40 12.01 -8.90
C VAL B 48 -19.45 11.27 -10.24
N SER B 49 -18.29 10.94 -10.79
CA SER B 49 -18.31 10.33 -12.12
C SER B 49 -16.99 9.61 -12.38
N THR B 50 -17.02 8.74 -13.40
CA THR B 50 -15.85 7.96 -13.80
C THR B 50 -15.86 7.80 -15.31
N ILE B 51 -14.65 7.72 -15.88
CA ILE B 51 -14.47 7.58 -17.32
C ILE B 51 -13.28 6.66 -17.55
N ASN B 52 -13.47 5.65 -18.41
CA ASN B 52 -12.47 4.63 -18.62
C ASN B 52 -11.30 5.19 -19.43
N THR B 53 -10.31 4.32 -19.69
CA THR B 53 -9.09 4.71 -20.37
C THR B 53 -9.38 5.37 -21.71
N GLY B 54 -9.83 4.58 -22.68
CA GLY B 54 -10.10 5.09 -24.02
C GLY B 54 -11.12 6.20 -24.07
N GLY B 55 -11.80 6.48 -22.95
CA GLY B 55 -12.83 7.49 -22.92
C GLY B 55 -14.17 7.07 -23.49
N GLY B 56 -14.27 5.85 -24.01
CA GLY B 56 -15.52 5.37 -24.56
C GLY B 56 -16.55 4.92 -23.54
N SER B 57 -16.15 4.82 -22.27
CA SER B 57 -17.03 4.41 -21.20
C SER B 57 -17.16 5.56 -20.19
N THR B 58 -18.39 5.92 -19.87
CA THR B 58 -18.68 6.95 -18.89
C THR B 58 -19.70 6.41 -17.89
N SER B 59 -19.62 6.90 -16.65
CA SER B 59 -20.48 6.41 -15.59
C SER B 59 -20.69 7.53 -14.58
N TYR B 60 -21.94 7.75 -14.18
CA TYR B 60 -22.28 8.87 -13.33
C TYR B 60 -23.07 8.40 -12.12
N ALA B 61 -23.04 9.20 -11.06
CA ALA B 61 -23.87 8.95 -9.89
C ALA B 61 -25.26 9.51 -10.13
N ASP B 62 -26.24 8.90 -9.45
CA ASP B 62 -27.64 9.23 -9.69
C ASP B 62 -27.90 10.73 -9.54
N SER B 63 -27.22 11.36 -8.58
CA SER B 63 -27.49 12.77 -8.31
C SER B 63 -27.23 13.65 -9.52
N VAL B 64 -26.32 13.23 -10.41
CA VAL B 64 -25.87 14.08 -11.51
C VAL B 64 -26.11 13.44 -12.88
N LYS B 65 -26.60 12.21 -12.94
CA LYS B 65 -26.87 11.58 -14.22
C LYS B 65 -27.78 12.47 -15.05
N GLY B 66 -27.39 12.69 -16.31
CA GLY B 66 -28.15 13.50 -17.23
C GLY B 66 -27.74 14.96 -17.28
N ARG B 67 -27.19 15.49 -16.19
CA ARG B 67 -26.79 16.88 -16.13
C ARG B 67 -25.31 17.09 -16.36
N PHE B 68 -24.46 16.15 -15.94
CA PHE B 68 -23.03 16.25 -16.14
C PHE B 68 -22.61 15.43 -17.36
N THR B 69 -21.39 15.69 -17.81
CA THR B 69 -20.78 14.93 -18.90
C THR B 69 -19.27 14.90 -18.67
N ILE B 70 -18.77 13.74 -18.28
CA ILE B 70 -17.33 13.57 -18.10
C ILE B 70 -16.71 13.21 -19.44
N SER B 71 -15.46 13.63 -19.64
CA SER B 71 -14.75 13.32 -20.87
C SER B 71 -13.26 13.44 -20.60
N ARG B 72 -12.46 13.08 -21.59
CA ARG B 72 -11.01 13.19 -21.43
C ARG B 72 -10.36 13.44 -22.78
N ASP B 73 -9.12 13.90 -22.71
CA ASP B 73 -8.29 14.23 -23.86
C ASP B 73 -6.92 13.66 -23.52
N ASN B 74 -6.68 12.41 -23.92
CA ASN B 74 -5.44 11.74 -23.60
C ASN B 74 -4.26 12.24 -24.40
N ALA B 75 -4.50 13.02 -25.46
CA ALA B 75 -3.40 13.69 -26.15
C ALA B 75 -2.82 14.79 -25.28
N LYS B 76 -3.68 15.66 -24.75
CA LYS B 76 -3.26 16.72 -23.84
C LYS B 76 -3.37 16.31 -22.38
N ASN B 77 -3.52 15.02 -22.10
CA ASN B 77 -3.54 14.50 -20.74
C ASN B 77 -4.42 15.36 -19.84
N THR B 78 -5.71 15.42 -20.16
CA THR B 78 -6.63 16.30 -19.45
C THR B 78 -8.00 15.69 -19.30
N LEU B 79 -8.48 15.60 -18.07
CA LEU B 79 -9.85 15.17 -17.81
C LEU B 79 -10.76 16.40 -17.74
N TYR B 80 -12.02 16.24 -18.18
CA TYR B 80 -12.98 17.32 -18.15
C TYR B 80 -14.30 16.83 -17.55
N LEU B 81 -15.03 17.76 -16.94
CA LEU B 81 -16.36 17.50 -16.42
C LEU B 81 -17.23 18.71 -16.75
N GLN B 82 -18.11 18.57 -17.74
CA GLN B 82 -19.09 19.61 -18.02
C GLN B 82 -20.25 19.45 -17.04
N MET B 83 -20.64 20.55 -16.39
CA MET B 83 -21.72 20.55 -15.42
C MET B 83 -22.79 21.51 -15.92
N ASN B 84 -23.99 20.98 -16.15
CA ASN B 84 -25.12 21.75 -16.65
C ASN B 84 -26.27 21.69 -15.66
N SER B 85 -27.09 22.74 -15.67
CA SER B 85 -28.24 22.84 -14.79
C SER B 85 -27.85 22.52 -13.34
N LEU B 86 -26.93 23.31 -12.81
CA LEU B 86 -26.45 23.08 -11.46
C LEU B 86 -27.53 23.41 -10.45
N LYS B 87 -27.34 22.88 -9.25
CA LYS B 87 -28.23 23.09 -8.11
C LYS B 87 -27.39 23.52 -6.92
N PRO B 88 -28.00 24.14 -5.91
CA PRO B 88 -27.26 24.40 -4.66
C PRO B 88 -26.81 23.12 -3.97
N GLU B 89 -27.36 21.97 -4.36
CA GLU B 89 -26.91 20.70 -3.81
C GLU B 89 -25.55 20.29 -4.34
N ASP B 90 -25.09 20.90 -5.43
CA ASP B 90 -23.79 20.56 -6.02
C ASP B 90 -22.66 21.44 -5.50
N THR B 91 -22.93 22.33 -4.55
CA THR B 91 -21.89 23.21 -4.00
C THR B 91 -20.93 22.39 -3.15
N ALA B 92 -19.68 22.27 -3.60
CA ALA B 92 -18.72 21.43 -2.92
C ALA B 92 -17.35 21.61 -3.58
N LEU B 93 -16.34 20.95 -3.02
CA LEU B 93 -15.01 20.95 -3.59
C LEU B 93 -14.85 19.73 -4.48
N TYR B 94 -14.25 19.91 -5.65
CA TYR B 94 -14.14 18.87 -6.65
C TYR B 94 -12.69 18.49 -6.88
N TYR B 95 -12.42 17.19 -6.88
CA TYR B 95 -11.12 16.63 -7.18
C TYR B 95 -11.25 15.66 -8.35
N CYS B 96 -10.17 15.49 -9.09
CA CYS B 96 -10.01 14.35 -9.99
C CYS B 96 -8.97 13.41 -9.40
N THR B 97 -9.07 12.14 -9.77
CA THR B 97 -8.14 11.15 -9.27
C THR B 97 -8.24 9.91 -10.15
N ILE B 98 -7.36 8.95 -9.89
CA ILE B 98 -7.44 7.67 -10.57
C ILE B 98 -8.56 6.85 -9.92
N ASP B 99 -9.33 6.16 -10.75
CA ASP B 99 -10.56 5.55 -10.29
C ASP B 99 -10.29 4.48 -9.23
N ARG B 100 -10.95 4.61 -8.08
CA ARG B 100 -10.98 3.57 -7.07
C ARG B 100 -12.32 2.85 -7.01
N GLY B 101 -13.34 3.36 -7.70
CA GLY B 101 -14.66 2.77 -7.65
C GLY B 101 -15.70 3.74 -7.14
N LEU B 102 -16.23 3.48 -5.94
CA LEU B 102 -17.26 4.30 -5.33
C LEU B 102 -16.82 4.90 -4.00
N HIS B 103 -16.22 4.10 -3.12
CA HIS B 103 -15.92 4.55 -1.77
C HIS B 103 -14.60 5.31 -1.73
N TYR B 104 -14.61 6.43 -1.02
CA TYR B 104 -13.42 7.27 -0.87
C TYR B 104 -13.34 7.84 0.55
N SER B 105 -13.56 6.99 1.55
CA SER B 105 -13.47 7.40 2.95
C SER B 105 -12.13 6.94 3.54
N ASP B 106 -11.66 7.69 4.54
CA ASP B 106 -10.44 7.37 5.27
C ASP B 106 -9.18 7.58 4.41
N LEU B 107 -9.12 8.71 3.73
CA LEU B 107 -7.94 9.05 2.93
C LEU B 107 -7.39 10.42 3.34
N TYR B 110 -4.10 9.91 4.94
CA TYR B 110 -3.12 9.71 3.89
C TYR B 110 -2.79 11.03 3.22
N ASP B 111 -1.70 11.07 2.47
CA ASP B 111 -1.37 12.19 1.60
C ASP B 111 -1.81 11.77 0.20
N TYR B 112 -2.90 12.37 -0.28
CA TYR B 112 -3.60 11.84 -1.45
C TYR B 112 -4.27 12.94 -2.25
N TRP B 113 -5.32 13.55 -1.69
CA TRP B 113 -6.10 14.51 -2.43
C TRP B 113 -5.25 15.70 -2.87
N GLY B 114 -5.48 16.15 -4.11
CA GLY B 114 -4.90 17.40 -4.56
C GLY B 114 -5.54 18.57 -3.81
N GLN B 115 -5.51 19.76 -4.39
CA GLN B 115 -6.16 20.91 -3.79
C GLN B 115 -7.56 21.15 -4.37
N GLY B 116 -7.96 20.38 -5.37
CA GLY B 116 -9.29 20.50 -5.93
C GLY B 116 -9.60 21.91 -6.42
N THR B 117 -10.89 22.13 -6.64
CA THR B 117 -11.39 23.46 -6.98
C THR B 117 -12.85 23.53 -6.53
N GLN B 118 -13.24 24.66 -5.96
CA GLN B 118 -14.56 24.79 -5.34
C GLN B 118 -15.59 25.22 -6.37
N VAL B 119 -16.79 24.64 -6.26
CA VAL B 119 -17.95 25.06 -7.03
C VAL B 119 -19.03 25.46 -6.04
N THR B 120 -19.62 26.64 -6.26
CA THR B 120 -20.64 27.18 -5.38
C THR B 120 -21.82 27.64 -6.22
N VAL B 121 -23.01 27.20 -5.85
CA VAL B 121 -24.24 27.46 -6.59
C VAL B 121 -25.28 27.95 -5.61
N SER B 122 -25.59 29.24 -5.65
CA SER B 122 -26.60 29.83 -4.78
C SER B 122 -27.04 31.16 -5.38
N SER B 123 -28.01 31.79 -4.73
CA SER B 123 -28.43 33.16 -5.08
C SER B 123 -27.52 34.15 -4.36
N HIS B 124 -27.66 34.24 -3.04
CA HIS B 124 -26.75 35.05 -2.22
C HIS B 124 -27.06 34.87 -0.74
#